data_8SIP
#
_entry.id   8SIP
#
_cell.length_a   39.817
_cell.length_b   49.090
_cell.length_c   57.385
_cell.angle_alpha   83.840
_cell.angle_beta   88.820
_cell.angle_gamma   89.680
#
_symmetry.space_group_name_H-M   'P 1'
#
loop_
_entity.id
_entity.type
_entity.pdbx_description
1 polymer 'Inosine binding IgG Fab, heavy chain'
2 polymer 'Inosine binding IgG Fab, kappa chain'
3 non-polymer INOSINE
4 water water
#
loop_
_entity_poly.entity_id
_entity_poly.type
_entity_poly.pdbx_seq_one_letter_code
_entity_poly.pdbx_strand_id
1 'polypeptide(L)'
;QIQLVQSGPELKKPGETVKISCKASGYTFTNFGMNWVKQAPGKGLKWMGWIKTYTGEPIYVDDFKGRFAFSLETSASTAY
LQINTLKNEDTATYFCARGRPEGYVLDYWGQGTSVTVSSAKTTPPSVYPLAPGSAAQTNSMVTLGCLVKGYFPEPVTVTW
NSGSLSSGVHTFPAVLQSDLYTLSSSVTVPSSTWPSETVTCNVAHPASSTKVDKKIVPRDCG
;
H
2 'polypeptide(L)'
;DIVMSQSPSALPVSVGEKVTMSCKSSQSLLNSRTRKNYLAWYQQKPGQSPKLLIYWASTRESGVPDRFTGSGSGTDFTLT
ISSVQAEDLAVYYCKQSYNLWTFGGGTKLEIKRADAAPTVSIFPPSSEQLTSGGASVVCFLNNFYPKDINVKWKIDGSER
QNGVLNSWTDQDSKDSTYSMSSTLTLTKDEYERHNSYTCEATHKTSTSPIVKSFNRNEC
;
L
#
# COMPACT_ATOMS: atom_id res chain seq x y z
N ILE A 2 13.86 14.02 20.45
CA ILE A 2 12.37 14.06 20.42
C ILE A 2 11.88 12.74 19.84
N GLN A 3 10.97 12.07 20.54
CA GLN A 3 10.40 10.79 20.05
C GLN A 3 8.90 10.74 20.30
N LEU A 4 8.15 10.19 19.36
CA LEU A 4 6.69 9.98 19.53
C LEU A 4 6.46 8.48 19.34
N VAL A 5 5.97 7.81 20.37
CA VAL A 5 5.71 6.34 20.33
C VAL A 5 4.21 6.09 20.44
N GLN A 6 3.66 5.42 19.44
CA GLN A 6 2.25 5.08 19.40
C GLN A 6 2.01 3.64 19.84
N SER A 7 0.77 3.37 20.26
CA SER A 7 0.38 2.05 20.70
C SER A 7 0.29 1.08 19.52
N GLY A 8 0.12 -0.21 19.85
CA GLY A 8 0.21 -1.28 18.88
C GLY A 8 -1.02 -1.42 18.01
N PRO A 9 -0.94 -2.36 17.07
CA PRO A 9 -2.02 -2.53 16.08
C PRO A 9 -3.32 -3.01 16.70
N GLU A 10 -4.41 -2.61 16.08
CA GLU A 10 -5.73 -2.83 16.65
C GLU A 10 -6.57 -3.62 15.65
N LEU A 11 -7.32 -4.60 16.15
CA LEU A 11 -8.26 -5.37 15.36
C LEU A 11 -9.64 -5.18 16.00
N LYS A 12 -10.60 -4.73 15.21
CA LYS A 12 -11.90 -4.38 15.76
C LYS A 12 -13.01 -4.81 14.81
N LYS A 13 -14.20 -5.06 15.40
CA LYS A 13 -15.36 -5.32 14.59
C LYS A 13 -16.14 -4.03 14.36
N PRO A 14 -16.92 -3.94 13.30
CA PRO A 14 -17.69 -2.71 13.08
C PRO A 14 -18.61 -2.46 14.27
N GLY A 15 -18.73 -1.19 14.65
CA GLY A 15 -19.52 -0.76 15.79
C GLY A 15 -18.74 -0.50 17.07
N GLU A 16 -17.60 -1.16 17.26
CA GLU A 16 -16.87 -0.93 18.50
C GLU A 16 -16.10 0.39 18.45
N THR A 17 -15.50 0.73 19.58
CA THR A 17 -14.62 1.90 19.63
C THR A 17 -13.18 1.44 19.83
N VAL A 18 -12.28 2.29 19.38
CA VAL A 18 -10.86 2.08 19.57
C VAL A 18 -10.27 3.37 20.11
N LYS A 19 -9.28 3.24 20.99
CA LYS A 19 -8.52 4.37 21.51
C LYS A 19 -7.05 4.09 21.22
N ILE A 20 -6.41 5.00 20.50
CA ILE A 20 -4.98 4.91 20.16
C ILE A 20 -4.25 5.96 20.97
N SER A 21 -3.07 5.61 21.47
CA SER A 21 -2.27 6.55 22.24
C SER A 21 -1.00 6.92 21.49
N CYS A 22 -0.43 8.04 21.89
CA CYS A 22 0.78 8.56 21.28
C CYS A 22 1.57 9.26 22.38
N LYS A 23 2.66 8.65 22.83
CA LYS A 23 3.45 9.17 23.94
C LYS A 23 4.64 9.96 23.41
N ALA A 24 4.77 11.22 23.85
CA ALA A 24 5.78 12.12 23.35
C ALA A 24 6.85 12.36 24.40
N SER A 25 8.09 12.54 23.94
CA SER A 25 9.19 12.74 24.87
C SER A 25 10.19 13.70 24.25
N GLY A 26 11.06 14.24 25.09
CA GLY A 26 12.16 15.07 24.62
C GLY A 26 11.83 16.52 24.35
N TYR A 27 10.62 16.98 24.68
CA TYR A 27 10.27 18.36 24.43
C TYR A 27 9.15 18.75 25.37
N THR A 28 8.95 20.06 25.50
CA THR A 28 7.85 20.55 26.33
C THR A 28 6.54 20.30 25.60
N PHE A 29 5.76 19.36 26.12
CA PHE A 29 4.57 18.85 25.43
C PHE A 29 3.58 19.96 25.09
N THR A 30 3.33 20.87 26.02
CA THR A 30 2.24 21.83 25.86
C THR A 30 2.61 23.02 24.96
N ASN A 31 3.78 23.02 24.35
CA ASN A 31 4.17 24.15 23.51
C ASN A 31 3.89 23.94 22.03
N PHE A 32 3.45 22.74 21.64
CA PHE A 32 3.29 22.37 20.25
C PHE A 32 1.98 21.60 20.09
N GLY A 33 1.34 21.82 18.95
CA GLY A 33 0.10 21.10 18.65
C GLY A 33 0.36 19.64 18.31
N MET A 34 -0.61 18.80 18.59
CA MET A 34 -0.53 17.40 18.23
C MET A 34 -1.53 17.16 17.11
N ASN A 35 -1.11 16.46 16.07
CA ASN A 35 -1.90 16.29 14.84
C ASN A 35 -2.18 14.82 14.61
N TRP A 36 -3.30 14.50 13.97
CA TRP A 36 -3.56 13.13 13.59
C TRP A 36 -3.74 13.06 12.09
N VAL A 37 -3.09 12.07 11.47
CA VAL A 37 -3.13 11.86 10.03
C VAL A 37 -3.55 10.41 9.75
N LYS A 38 -4.48 10.25 8.83
CA LYS A 38 -4.99 8.95 8.40
C LYS A 38 -4.38 8.54 7.08
N GLN A 39 -4.02 7.26 6.97
CA GLN A 39 -3.51 6.71 5.70
C GLN A 39 -4.11 5.33 5.50
N ALA A 40 -5.07 5.25 4.58
CA ALA A 40 -5.62 3.98 4.19
C ALA A 40 -4.55 3.17 3.46
N PRO A 41 -4.64 1.81 3.47
CA PRO A 41 -3.50 0.96 3.05
C PRO A 41 -2.68 1.40 1.84
N GLY A 42 -3.31 1.60 0.70
CA GLY A 42 -2.54 1.96 -0.47
C GLY A 42 -2.74 3.40 -0.93
N LYS A 43 -3.21 4.27 -0.04
CA LYS A 43 -3.60 5.63 -0.40
C LYS A 43 -2.67 6.66 0.26
N GLY A 44 -3.02 7.93 0.10
CA GLY A 44 -2.20 9.03 0.54
C GLY A 44 -2.53 9.47 1.94
N LEU A 45 -1.93 10.60 2.33
CA LEU A 45 -2.08 11.10 3.68
C LEU A 45 -3.28 12.05 3.75
N LYS A 46 -4.04 11.96 4.85
CA LYS A 46 -5.21 12.80 5.08
C LYS A 46 -5.08 13.39 6.48
N TRP A 47 -4.83 14.70 6.57
CA TRP A 47 -4.84 15.37 7.87
C TRP A 47 -6.24 15.40 8.48
N MET A 48 -6.34 15.04 9.75
CA MET A 48 -7.62 14.80 10.39
C MET A 48 -8.05 15.96 11.24
N GLY A 49 -7.07 16.71 11.72
CA GLY A 49 -7.24 17.79 12.66
C GLY A 49 -6.09 17.81 13.65
N TRP A 50 -6.19 18.68 14.64
CA TRP A 50 -5.17 18.79 15.68
C TRP A 50 -5.86 19.16 16.99
N ILE A 51 -5.07 19.17 18.06
CA ILE A 51 -5.55 19.61 19.36
C ILE A 51 -4.48 20.52 19.95
N LYS A 52 -4.88 21.66 20.48
CA LYS A 52 -3.92 22.53 21.12
C LYS A 52 -3.58 21.95 22.48
N THR A 53 -2.30 21.64 22.69
CA THR A 53 -1.89 20.92 23.90
C THR A 53 -1.93 21.83 25.13
N TYR A 54 -1.76 23.14 24.93
CA TYR A 54 -1.81 24.09 26.04
C TYR A 54 -3.21 24.14 26.64
N THR A 55 -4.21 24.31 25.80
CA THR A 55 -5.58 24.55 26.22
C THR A 55 -6.51 23.38 26.00
N GLY A 56 -6.08 22.31 25.35
CA GLY A 56 -6.90 21.14 25.18
C GLY A 56 -8.02 21.25 24.16
N GLU A 57 -8.13 22.35 23.41
CA GLU A 57 -9.22 22.44 22.44
C GLU A 57 -8.87 21.70 21.16
N PRO A 58 -9.76 20.83 20.67
CA PRO A 58 -9.52 20.09 19.44
C PRO A 58 -10.20 20.70 18.22
N ILE A 59 -9.62 20.47 17.05
CA ILE A 59 -10.14 21.01 15.81
C ILE A 59 -10.17 19.88 14.79
N TYR A 60 -11.34 19.61 14.24
CA TYR A 60 -11.58 18.48 13.34
C TYR A 60 -11.91 19.00 11.95
N VAL A 61 -11.36 18.33 10.93
CA VAL A 61 -11.82 18.60 9.57
C VAL A 61 -13.21 17.98 9.37
N ASP A 62 -13.97 18.51 8.41
CA ASP A 62 -15.38 18.17 8.29
C ASP A 62 -15.63 16.65 8.28
N ASP A 63 -14.79 15.90 7.57
CA ASP A 63 -15.00 14.47 7.44
C ASP A 63 -14.86 13.72 8.76
N PHE A 64 -14.32 14.35 9.81
CA PHE A 64 -14.00 13.67 11.05
C PHE A 64 -14.78 14.24 12.23
N LYS A 65 -15.92 14.88 11.95
CA LYS A 65 -16.76 15.44 13.00
C LYS A 65 -17.81 14.43 13.45
N GLY A 66 -17.97 14.28 14.75
CA GLY A 66 -19.00 13.39 15.27
C GLY A 66 -18.49 12.18 16.04
N ARG A 67 -17.72 11.34 15.35
CA ARG A 67 -17.31 10.01 15.81
C ARG A 67 -15.89 9.97 16.36
N PHE A 68 -15.09 10.98 16.08
CA PHE A 68 -13.68 10.98 16.46
C PHE A 68 -13.46 11.95 17.61
N ALA A 69 -12.57 11.56 18.53
CA ALA A 69 -12.27 12.37 19.71
C ALA A 69 -10.76 12.43 19.93
N PHE A 70 -10.20 13.63 19.88
CA PHE A 70 -8.84 13.85 20.35
C PHE A 70 -8.89 14.24 21.82
N SER A 71 -8.00 13.65 22.61
CA SER A 71 -7.89 14.01 24.02
C SER A 71 -6.43 13.95 24.43
N LEU A 72 -6.13 14.49 25.61
CA LEU A 72 -4.76 14.56 26.14
C LEU A 72 -4.70 14.16 27.61
N GLU A 73 -3.53 13.65 28.03
CA GLU A 73 -3.12 13.64 29.43
C GLU A 73 -1.80 14.39 29.49
N THR A 74 -1.86 15.67 29.90
CA THR A 74 -0.70 16.54 29.72
C THR A 74 0.45 16.11 30.61
N SER A 75 0.15 15.73 31.85
CA SER A 75 1.21 15.37 32.79
C SER A 75 2.02 14.18 32.30
N ALA A 76 1.44 13.34 31.46
CA ALA A 76 2.09 12.17 30.87
C ALA A 76 2.51 12.39 29.42
N SER A 77 2.29 13.57 28.87
CA SER A 77 2.67 13.88 27.48
C SER A 77 2.09 12.85 26.51
N THR A 78 0.82 12.50 26.71
CA THR A 78 0.15 11.50 25.89
CA THR A 78 0.16 11.51 25.88
C THR A 78 -1.05 12.13 25.19
N ALA A 79 -1.16 11.91 23.89
CA ALA A 79 -2.33 12.29 23.12
C ALA A 79 -3.10 11.04 22.75
N TYR A 80 -4.41 11.15 22.66
CA TYR A 80 -5.26 10.00 22.37
C TYR A 80 -6.16 10.28 21.19
N LEU A 81 -6.35 9.26 20.35
CA LEU A 81 -7.33 9.25 19.28
C LEU A 81 -8.37 8.20 19.60
N GLN A 82 -9.61 8.62 19.78
CA GLN A 82 -10.71 7.72 20.04
C GLN A 82 -11.63 7.74 18.83
N ILE A 83 -11.90 6.57 18.27
CA ILE A 83 -12.78 6.43 17.11
C ILE A 83 -13.97 5.59 17.57
N ASN A 84 -15.16 6.20 17.55
CA ASN A 84 -16.38 5.55 17.98
C ASN A 84 -17.19 5.05 16.79
N THR A 85 -17.98 3.99 17.03
CA THR A 85 -18.83 3.41 15.95
C THR A 85 -17.96 3.15 14.70
N LEU A 86 -17.13 2.10 14.75
CA LEU A 86 -16.22 1.90 13.63
C LEU A 86 -16.94 1.36 12.40
N LYS A 87 -16.53 1.86 11.24
CA LYS A 87 -16.89 1.31 9.93
C LYS A 87 -15.67 0.65 9.28
N ASN A 88 -15.92 -0.03 8.16
CA ASN A 88 -14.82 -0.64 7.40
C ASN A 88 -13.94 0.42 6.76
N GLU A 89 -14.51 1.56 6.37
CA GLU A 89 -13.73 2.67 5.81
C GLU A 89 -12.75 3.28 6.80
N ASP A 90 -12.82 2.89 8.07
CA ASP A 90 -11.91 3.39 9.08
C ASP A 90 -10.61 2.59 9.14
N THR A 91 -10.52 1.48 8.40
CA THR A 91 -9.31 0.64 8.35
C THR A 91 -8.18 1.45 7.77
N ALA A 92 -7.16 1.76 8.57
CA ALA A 92 -6.08 2.63 8.14
C ALA A 92 -4.96 2.62 9.18
N THR A 93 -3.83 3.16 8.78
CA THR A 93 -2.80 3.53 9.73
C THR A 93 -3.08 4.97 10.16
N TYR A 94 -3.00 5.22 11.46
CA TYR A 94 -3.15 6.55 12.04
C TYR A 94 -1.82 6.99 12.62
N PHE A 95 -1.34 8.17 12.20
CA PHE A 95 -0.12 8.75 12.75
C PHE A 95 -0.46 9.93 13.66
N CYS A 96 0.28 10.05 14.75
CA CYS A 96 0.36 11.30 15.48
C CYS A 96 1.61 12.05 15.04
N ALA A 97 1.56 13.37 15.10
CA ALA A 97 2.70 14.14 14.61
C ALA A 97 2.64 15.51 15.26
N ARG A 98 3.79 16.00 15.69
CA ARG A 98 3.85 17.27 16.39
C ARG A 98 3.90 18.41 15.37
N GLY A 99 3.20 19.50 15.68
CA GLY A 99 3.16 20.66 14.81
C GLY A 99 4.20 21.68 15.25
N ARG A 100 5.09 22.03 14.33
CA ARG A 100 6.12 23.04 14.59
C ARG A 100 5.70 24.36 13.96
N PRO A 101 5.53 25.43 14.74
CA PRO A 101 4.95 26.65 14.18
C PRO A 101 5.87 27.39 13.22
N GLU A 102 7.17 27.17 13.27
CA GLU A 102 8.05 27.77 12.26
C GLU A 102 7.92 26.92 10.99
N GLY A 103 7.21 27.43 10.00
CA GLY A 103 6.80 26.66 8.85
C GLY A 103 5.37 26.15 8.91
N TYR A 104 4.80 26.01 10.11
CA TYR A 104 3.55 25.29 10.33
C TYR A 104 3.59 23.93 9.61
N VAL A 105 4.45 23.07 10.14
CA VAL A 105 4.75 21.78 9.54
C VAL A 105 4.66 20.67 10.59
N LEU A 106 4.52 19.44 10.09
CA LEU A 106 4.47 18.21 10.88
C LEU A 106 5.89 17.68 10.93
N ASP A 107 6.65 18.06 11.94
CA ASP A 107 8.09 17.81 11.86
C ASP A 107 8.53 16.50 12.51
N TYR A 108 7.90 16.07 13.59
CA TYR A 108 8.20 14.76 14.18
C TYR A 108 6.94 13.92 14.19
N TRP A 109 7.07 12.67 13.75
CA TRP A 109 5.95 11.77 13.52
C TRP A 109 6.06 10.54 14.41
N GLY A 110 4.92 10.03 14.86
CA GLY A 110 4.92 8.69 15.42
C GLY A 110 5.09 7.63 14.35
N GLN A 111 5.27 6.40 14.80
CA GLN A 111 5.46 5.32 13.85
C GLN A 111 4.16 4.86 13.19
N GLY A 112 3.01 5.35 13.63
CA GLY A 112 1.74 4.91 13.06
C GLY A 112 1.15 3.73 13.82
N THR A 113 -0.18 3.69 13.85
CA THR A 113 -0.93 2.60 14.48
C THR A 113 -1.91 2.07 13.44
N SER A 114 -1.81 0.78 13.16
CA SER A 114 -2.73 0.13 12.24
C SER A 114 -4.02 -0.23 12.95
N VAL A 115 -5.16 0.11 12.34
CA VAL A 115 -6.47 -0.31 12.82
C VAL A 115 -7.12 -1.07 11.67
N THR A 116 -7.55 -2.30 11.93
CA THR A 116 -8.33 -3.04 10.94
C THR A 116 -9.73 -3.29 11.48
N VAL A 117 -10.74 -3.04 10.65
CA VAL A 117 -12.14 -3.20 11.04
C VAL A 117 -12.70 -4.32 10.18
N SER A 118 -13.14 -5.39 10.83
CA SER A 118 -13.71 -6.52 10.11
C SER A 118 -14.64 -7.26 11.06
N SER A 119 -15.70 -7.83 10.52
CA SER A 119 -16.52 -8.66 11.38
C SER A 119 -15.97 -10.08 11.51
N ALA A 120 -14.86 -10.38 10.85
CA ALA A 120 -14.29 -11.72 10.94
C ALA A 120 -13.63 -11.94 12.30
N LYS A 121 -13.76 -13.15 12.82
CA LYS A 121 -12.90 -13.60 13.91
C LYS A 121 -11.65 -14.23 13.31
N THR A 122 -10.63 -14.42 14.14
CA THR A 122 -9.43 -15.10 13.69
C THR A 122 -9.79 -16.42 12.99
N THR A 123 -9.23 -16.61 11.80
CA THR A 123 -9.60 -17.67 10.87
C THR A 123 -8.32 -18.15 10.19
N PRO A 124 -8.03 -19.45 10.23
CA PRO A 124 -6.82 -19.94 9.55
C PRO A 124 -7.05 -20.04 8.06
N PRO A 125 -5.98 -19.93 7.27
CA PRO A 125 -6.13 -19.99 5.81
C PRO A 125 -6.20 -21.42 5.30
N SER A 126 -6.81 -21.56 4.14
CA SER A 126 -6.67 -22.75 3.32
C SER A 126 -5.59 -22.48 2.29
N VAL A 127 -4.66 -23.42 2.12
CA VAL A 127 -3.52 -23.26 1.22
C VAL A 127 -3.69 -24.24 0.07
N TYR A 128 -3.63 -23.73 -1.16
CA TYR A 128 -3.76 -24.62 -2.32
C TYR A 128 -2.62 -24.47 -3.32
N PRO A 129 -2.12 -25.59 -3.86
CA PRO A 129 -1.10 -25.51 -4.90
C PRO A 129 -1.66 -24.98 -6.20
N LEU A 130 -0.82 -24.26 -6.94
CA LEU A 130 -1.09 -23.81 -8.30
C LEU A 130 -0.10 -24.50 -9.22
N ALA A 131 -0.60 -25.43 -10.02
CA ALA A 131 0.18 -26.24 -10.93
C ALA A 131 -0.29 -26.00 -12.36
N PRO A 132 0.62 -25.90 -13.33
CA PRO A 132 0.19 -25.55 -14.69
C PRO A 132 -0.72 -26.63 -15.28
N GLY A 133 -1.57 -26.20 -16.22
CA GLY A 133 -2.35 -27.10 -17.04
C GLY A 133 -3.16 -28.18 -16.35
N SER A 140 10.81 -23.58 -21.26
CA SER A 140 12.14 -23.25 -20.74
C SER A 140 12.04 -22.83 -19.27
N MET A 141 11.00 -22.09 -18.94
CA MET A 141 10.75 -21.72 -17.56
C MET A 141 9.33 -22.15 -17.24
N VAL A 142 9.11 -22.54 -15.99
CA VAL A 142 7.79 -22.92 -15.51
C VAL A 142 7.46 -22.08 -14.28
N THR A 143 6.23 -21.61 -14.20
CA THR A 143 5.77 -20.81 -13.07
C THR A 143 4.77 -21.61 -12.25
N LEU A 144 5.04 -21.73 -10.95
CA LEU A 144 4.17 -22.35 -9.97
C LEU A 144 3.68 -21.29 -8.99
N GLY A 145 2.77 -21.69 -8.12
CA GLY A 145 2.21 -20.76 -7.17
C GLY A 145 1.53 -21.49 -6.04
N CYS A 146 1.19 -20.74 -5.01
CA CYS A 146 0.28 -21.18 -3.96
C CYS A 146 -0.75 -20.10 -3.74
N LEU A 147 -1.94 -20.55 -3.41
CA LEU A 147 -3.08 -19.71 -3.12
C LEU A 147 -3.38 -19.86 -1.65
N VAL A 148 -3.29 -18.76 -0.92
CA VAL A 148 -3.54 -18.72 0.51
C VAL A 148 -4.83 -17.94 0.67
N LYS A 149 -5.89 -18.62 1.07
CA LYS A 149 -7.24 -18.12 0.87
C LYS A 149 -8.05 -18.15 2.16
N GLY A 150 -8.72 -17.05 2.45
CA GLY A 150 -9.73 -17.00 3.48
C GLY A 150 -9.23 -16.95 4.91
N TYR A 151 -8.26 -16.09 5.20
CA TYR A 151 -7.70 -16.01 6.55
C TYR A 151 -7.93 -14.62 7.14
N PHE A 152 -7.71 -14.53 8.45
CA PHE A 152 -7.80 -13.28 9.21
C PHE A 152 -7.14 -13.44 10.56
N PRO A 153 -6.40 -12.45 11.05
CA PRO A 153 -5.98 -11.18 10.43
C PRO A 153 -4.74 -11.35 9.61
N GLU A 154 -4.19 -10.24 9.11
CA GLU A 154 -2.86 -10.26 8.55
C GLU A 154 -1.85 -10.33 9.70
N PRO A 155 -0.62 -10.80 9.45
CA PRO A 155 -0.01 -11.28 8.21
C PRO A 155 0.02 -12.79 8.05
N VAL A 156 0.21 -13.24 6.82
CA VAL A 156 0.73 -14.57 6.54
C VAL A 156 2.12 -14.39 5.98
N THR A 157 2.96 -15.39 6.16
CA THR A 157 4.26 -15.40 5.52
C THR A 157 4.33 -16.62 4.61
N VAL A 158 5.04 -16.47 3.50
CA VAL A 158 5.21 -17.55 2.54
C VAL A 158 6.67 -17.61 2.16
N THR A 159 7.26 -18.80 2.21
CA THR A 159 8.56 -19.04 1.62
C THR A 159 8.45 -20.29 0.77
N TRP A 160 9.49 -20.54 -0.01
CA TRP A 160 9.53 -21.63 -0.98
C TRP A 160 10.75 -22.48 -0.68
N ASN A 161 10.54 -23.78 -0.54
CA ASN A 161 11.58 -24.75 -0.18
C ASN A 161 12.28 -24.32 1.12
N SER A 162 11.46 -24.05 2.13
CA SER A 162 11.93 -23.71 3.47
C SER A 162 12.91 -22.55 3.45
N GLY A 163 12.75 -21.66 2.46
CA GLY A 163 13.63 -20.53 2.30
C GLY A 163 14.72 -20.72 1.27
N SER A 164 14.98 -21.95 0.82
CA SER A 164 16.11 -22.20 -0.09
C SER A 164 15.91 -21.57 -1.46
N LEU A 165 14.68 -21.32 -1.86
CA LEU A 165 14.37 -20.73 -3.16
C LEU A 165 14.16 -19.23 -2.99
N SER A 166 15.03 -18.42 -3.60
CA SER A 166 15.09 -16.99 -3.36
C SER A 166 14.67 -16.17 -4.57
N SER A 167 15.32 -16.34 -5.71
CA SER A 167 14.99 -15.56 -6.91
C SER A 167 13.83 -16.20 -7.66
N GLY A 168 13.22 -15.41 -8.52
CA GLY A 168 12.04 -15.87 -9.23
C GLY A 168 10.82 -15.99 -8.37
N VAL A 169 10.81 -15.39 -7.18
CA VAL A 169 9.71 -15.50 -6.23
C VAL A 169 9.14 -14.11 -6.02
N HIS A 170 7.81 -14.00 -6.04
CA HIS A 170 7.21 -12.83 -5.43
C HIS A 170 5.83 -13.18 -4.89
N THR A 171 5.41 -12.41 -3.91
CA THR A 171 4.17 -12.67 -3.21
C THR A 171 3.30 -11.45 -3.39
N PHE A 172 2.07 -11.67 -3.82
CA PHE A 172 1.16 -10.57 -4.07
C PHE A 172 0.53 -10.07 -2.78
N PRO A 173 0.35 -8.75 -2.64
CA PRO A 173 -0.31 -8.21 -1.44
C PRO A 173 -1.66 -8.88 -1.20
N ALA A 174 -1.90 -9.22 0.07
CA ALA A 174 -3.20 -9.71 0.45
C ALA A 174 -4.25 -8.65 0.22
N VAL A 175 -5.42 -9.08 -0.23
CA VAL A 175 -6.56 -8.18 -0.35
C VAL A 175 -7.65 -8.70 0.60
N LEU A 176 -8.33 -7.77 1.26
CA LEU A 176 -9.45 -8.09 2.14
C LEU A 176 -10.74 -7.98 1.36
N GLN A 177 -11.41 -9.11 1.14
CA GLN A 177 -12.70 -9.14 0.43
C GLN A 177 -13.67 -10.04 1.18
N SER A 178 -14.85 -9.51 1.51
CA SER A 178 -15.86 -10.22 2.30
C SER A 178 -15.29 -10.67 3.65
N ASP A 179 -14.60 -9.74 4.30
CA ASP A 179 -14.06 -9.81 5.66
C ASP A 179 -12.88 -10.77 5.82
N LEU A 180 -12.47 -11.45 4.76
CA LEU A 180 -11.34 -12.40 4.84
C LEU A 180 -10.30 -12.04 3.79
N TYR A 181 -9.05 -12.38 4.06
CA TYR A 181 -7.95 -12.08 3.12
C TYR A 181 -7.62 -13.28 2.22
N THR A 182 -7.11 -12.96 1.05
CA THR A 182 -6.61 -14.01 0.14
C THR A 182 -5.33 -13.47 -0.48
N LEU A 183 -4.31 -14.31 -0.58
CA LEU A 183 -3.10 -13.89 -1.31
C LEU A 183 -2.56 -15.06 -2.14
N SER A 184 -1.66 -14.72 -3.02
CA SER A 184 -1.05 -15.74 -3.88
C SER A 184 0.46 -15.54 -3.92
N SER A 185 1.18 -16.64 -3.95
CA SER A 185 2.65 -16.51 -4.16
C SER A 185 2.99 -17.08 -5.54
N SER A 186 4.10 -16.64 -6.13
CA SER A 186 4.52 -17.14 -7.42
C SER A 186 5.99 -17.51 -7.35
N VAL A 187 6.37 -18.61 -7.97
CA VAL A 187 7.77 -18.98 -8.12
C VAL A 187 7.99 -19.44 -9.56
N THR A 188 9.09 -18.99 -10.15
CA THR A 188 9.46 -19.37 -11.51
C THR A 188 10.78 -20.13 -11.46
N VAL A 189 10.81 -21.33 -12.04
CA VAL A 189 12.04 -22.13 -12.06
C VAL A 189 12.25 -22.66 -13.46
N PRO A 190 13.51 -23.05 -13.80
CA PRO A 190 13.79 -23.62 -15.11
C PRO A 190 12.96 -24.90 -15.32
N SER A 191 12.40 -25.02 -16.53
CA SER A 191 11.55 -26.17 -16.80
C SER A 191 12.29 -27.50 -16.70
N SER A 192 13.62 -27.49 -16.80
CA SER A 192 14.38 -28.72 -16.67
C SER A 192 14.54 -29.17 -15.24
N THR A 193 14.08 -28.39 -14.27
CA THR A 193 14.32 -28.72 -12.87
C THR A 193 13.04 -29.12 -12.15
N TRP A 194 11.87 -29.00 -12.79
CA TRP A 194 10.59 -29.35 -12.18
C TRP A 194 9.78 -30.21 -13.16
N PRO A 195 9.18 -31.29 -12.69
CA PRO A 195 9.03 -31.74 -11.30
C PRO A 195 10.23 -32.55 -10.79
N SER A 196 11.35 -32.52 -11.51
CA SER A 196 12.52 -33.29 -11.11
C SER A 196 12.98 -32.91 -9.71
N GLU A 197 13.21 -31.62 -9.46
CA GLU A 197 13.51 -31.14 -8.12
C GLU A 197 12.25 -30.57 -7.51
N THR A 198 11.89 -31.04 -6.32
CA THR A 198 10.61 -30.73 -5.71
C THR A 198 10.52 -29.27 -5.29
N VAL A 199 9.31 -28.72 -5.38
CA VAL A 199 9.03 -27.33 -5.03
C VAL A 199 7.85 -27.33 -4.05
N THR A 200 8.03 -26.68 -2.89
CA THR A 200 7.05 -26.68 -1.82
C THR A 200 6.87 -25.26 -1.29
N CYS A 201 5.63 -24.85 -1.02
CA CYS A 201 5.44 -23.54 -0.41
C CYS A 201 5.16 -23.71 1.08
N ASN A 202 5.84 -22.91 1.90
CA ASN A 202 5.69 -22.96 3.34
C ASN A 202 4.94 -21.71 3.76
N VAL A 203 3.78 -21.91 4.36
CA VAL A 203 2.90 -20.82 4.74
C VAL A 203 2.72 -20.82 6.24
N ALA A 204 2.80 -19.64 6.84
CA ALA A 204 2.56 -19.47 8.26
C ALA A 204 1.52 -18.38 8.46
N HIS A 205 0.62 -18.63 9.40
CA HIS A 205 -0.37 -17.66 9.84
C HIS A 205 -0.25 -17.58 11.36
N PRO A 206 0.59 -16.67 11.88
CA PRO A 206 0.85 -16.67 13.33
C PRO A 206 -0.39 -16.52 14.21
N ALA A 207 -1.35 -15.70 13.80
CA ALA A 207 -2.53 -15.49 14.63
C ALA A 207 -3.28 -16.79 14.95
N SER A 208 -3.27 -17.76 14.04
CA SER A 208 -3.91 -19.06 14.27
C SER A 208 -2.91 -20.20 14.49
N SER A 209 -1.64 -19.89 14.72
CA SER A 209 -0.59 -20.88 14.89
C SER A 209 -0.51 -21.83 13.71
N THR A 210 -0.98 -21.41 12.55
CA THR A 210 -1.02 -22.30 11.41
C THR A 210 0.33 -22.32 10.72
N LYS A 211 0.81 -23.52 10.42
CA LYS A 211 1.99 -23.73 9.58
C LYS A 211 1.68 -24.84 8.60
N VAL A 212 1.85 -24.56 7.31
CA VAL A 212 1.43 -25.47 6.26
C VAL A 212 2.54 -25.60 5.23
N ASP A 213 2.90 -26.83 4.88
CA ASP A 213 3.85 -27.07 3.82
C ASP A 213 3.14 -27.83 2.71
N LYS A 214 3.17 -27.28 1.49
CA LYS A 214 2.38 -27.78 0.37
C LYS A 214 3.30 -28.03 -0.82
N LYS A 215 3.50 -29.29 -1.15
CA LYS A 215 4.29 -29.64 -2.32
C LYS A 215 3.47 -29.41 -3.58
N ILE A 216 4.13 -28.85 -4.61
CA ILE A 216 3.49 -28.60 -5.89
C ILE A 216 3.80 -29.79 -6.80
N VAL A 217 2.76 -30.48 -7.25
CA VAL A 217 2.90 -31.70 -8.03
C VAL A 217 2.32 -31.43 -9.42
N PRO A 218 2.81 -32.08 -10.50
CA PRO A 218 2.01 -31.93 -11.72
C PRO A 218 0.88 -32.96 -11.80
N ILE B 2 -9.60 24.50 -0.20
CA ILE B 2 -8.20 24.66 -0.70
C ILE B 2 -7.67 23.30 -1.14
N VAL B 3 -7.68 23.05 -2.44
CA VAL B 3 -7.31 21.71 -2.97
C VAL B 3 -5.87 21.70 -3.49
N MET B 4 -5.08 20.72 -3.06
CA MET B 4 -3.69 20.56 -3.53
C MET B 4 -3.67 19.46 -4.60
N SER B 5 -3.06 19.73 -5.74
CA SER B 5 -3.02 18.82 -6.87
C SER B 5 -1.58 18.59 -7.29
N GLN B 6 -1.15 17.33 -7.30
CA GLN B 6 0.21 16.95 -7.68
C GLN B 6 0.23 16.20 -9.00
N SER B 7 1.24 16.48 -9.83
CA SER B 7 1.50 15.74 -11.04
C SER B 7 3.00 15.58 -11.25
N PRO B 8 3.41 14.52 -11.96
CA PRO B 8 2.60 13.40 -12.41
C PRO B 8 2.30 12.54 -11.21
N SER B 9 1.36 11.58 -11.27
CA SER B 9 1.10 10.73 -10.12
C SER B 9 2.23 9.73 -9.90
N ALA B 10 2.88 9.30 -10.98
CA ALA B 10 4.08 8.46 -10.91
C ALA B 10 5.12 9.08 -11.84
N LEU B 11 6.39 8.90 -11.50
CA LEU B 11 7.46 9.53 -12.26
C LEU B 11 8.61 8.55 -12.40
N PRO B 12 8.79 7.95 -13.58
CA PRO B 12 9.97 7.11 -13.83
C PRO B 12 11.26 7.94 -13.86
N VAL B 13 12.27 7.50 -13.11
CA VAL B 13 13.56 8.19 -13.06
C VAL B 13 14.70 7.21 -13.24
N SER B 14 15.89 7.75 -13.55
CA SER B 14 17.13 7.00 -13.52
C SER B 14 18.02 7.53 -12.39
N VAL B 15 18.76 6.63 -11.75
CA VAL B 15 19.67 7.08 -10.70
C VAL B 15 20.67 8.07 -11.29
N GLY B 16 20.92 9.16 -10.55
CA GLY B 16 21.84 10.19 -10.98
C GLY B 16 21.26 11.30 -11.84
N GLU B 17 20.00 11.24 -12.27
CA GLU B 17 19.53 12.31 -13.14
C GLU B 17 18.62 13.26 -12.37
N LYS B 18 18.30 14.38 -13.03
CA LYS B 18 17.54 15.45 -12.39
C LYS B 18 16.05 15.18 -12.52
N VAL B 19 15.32 15.36 -11.42
CA VAL B 19 13.89 15.08 -11.33
C VAL B 19 13.17 16.30 -10.80
N THR B 20 12.00 16.57 -11.39
CA THR B 20 11.14 17.70 -11.04
C THR B 20 9.70 17.21 -10.88
N MET B 21 9.02 17.65 -9.83
CA MET B 21 7.62 17.30 -9.63
C MET B 21 6.88 18.54 -9.13
N SER B 22 5.62 18.66 -9.50
CA SER B 22 4.89 19.90 -9.31
C SER B 22 3.70 19.69 -8.40
N CYS B 23 3.33 20.77 -7.74
CA CYS B 23 2.18 20.87 -6.86
C CYS B 23 1.46 22.16 -7.26
N LYS B 24 0.16 22.08 -7.49
CA LYS B 24 -0.63 23.29 -7.74
C LYS B 24 -1.74 23.39 -6.71
N SER B 25 -1.94 24.58 -6.17
CA SER B 25 -3.03 24.81 -5.25
C SER B 25 -4.19 25.51 -5.96
N SER B 26 -5.41 25.22 -5.50
CA SER B 26 -6.58 25.88 -6.05
C SER B 26 -6.67 27.34 -5.65
N GLN B 27 -5.89 27.76 -4.66
CA GLN B 27 -5.90 29.12 -4.15
C GLN B 27 -4.49 29.48 -3.69
N SER B 28 -4.17 30.77 -3.73
CA SER B 28 -2.83 31.20 -3.39
C SER B 28 -2.49 30.85 -1.94
N LEU B 29 -1.25 30.40 -1.73
CA LEU B 29 -0.72 30.05 -0.43
C LEU B 29 0.18 31.12 0.13
N LEU B 30 0.32 32.25 -0.54
CA LEU B 30 1.26 33.28 -0.13
C LEU B 30 0.63 34.22 0.89
N ASN B 31 1.29 34.39 2.04
CA ASN B 31 0.91 35.42 3.00
C ASN B 31 1.66 36.71 2.70
N SER B 32 0.96 37.68 2.10
CA SER B 32 1.54 39.01 1.85
C SER B 32 2.10 39.64 3.12
N ARG B 33 1.37 39.47 4.23
CA ARG B 33 1.78 40.08 5.52
C ARG B 33 3.18 39.58 5.90
N THR B 34 3.54 38.37 5.49
CA THR B 34 4.85 37.80 5.89
C THR B 34 5.61 37.30 4.66
N ARG B 35 5.22 37.74 3.45
CA ARG B 35 5.84 37.23 2.21
C ARG B 35 6.21 35.76 2.41
N LYS B 36 5.25 34.93 2.82
CA LYS B 36 5.57 33.52 3.15
C LYS B 36 4.60 32.58 2.41
N ASN B 37 5.15 31.62 1.65
CA ASN B 37 4.29 30.64 1.00
C ASN B 37 4.25 29.43 1.91
N TYR B 38 3.06 29.03 2.35
CA TYR B 38 2.92 28.02 3.39
C TYR B 38 2.71 26.68 2.71
N LEU B 39 3.80 26.17 2.18
CA LEU B 39 3.78 24.96 1.39
C LEU B 39 5.03 24.19 1.77
N ALA B 40 4.85 22.93 2.15
CA ALA B 40 5.90 22.04 2.61
C ALA B 40 5.92 20.78 1.77
N TRP B 41 7.05 20.08 1.79
CA TRP B 41 7.21 18.83 1.06
C TRP B 41 7.65 17.75 2.03
N TYR B 42 7.08 16.54 1.88
CA TYR B 42 7.36 15.42 2.76
C TYR B 42 7.69 14.20 1.94
N GLN B 43 8.58 13.38 2.47
CA GLN B 43 8.97 12.14 1.82
C GLN B 43 8.45 10.99 2.65
N GLN B 44 7.88 9.96 2.01
CA GLN B 44 7.48 8.76 2.71
C GLN B 44 7.94 7.52 1.96
N LYS B 45 8.88 6.82 2.54
CA LYS B 45 9.25 5.52 1.97
C LYS B 45 8.36 4.42 2.52
N PRO B 46 8.29 3.29 1.80
CA PRO B 46 7.41 2.19 2.23
C PRO B 46 7.67 1.75 3.66
N GLY B 47 6.58 1.48 4.38
CA GLY B 47 6.60 1.05 5.76
C GLY B 47 7.02 2.09 6.77
N GLN B 48 7.48 3.26 6.32
CA GLN B 48 7.99 4.30 7.19
C GLN B 48 6.96 5.41 7.36
N SER B 49 7.20 6.23 8.36
CA SER B 49 6.44 7.45 8.60
C SER B 49 6.95 8.55 7.66
N PRO B 50 6.13 9.53 7.32
CA PRO B 50 6.62 10.63 6.47
C PRO B 50 7.70 11.44 7.17
N LYS B 51 8.52 12.11 6.36
CA LYS B 51 9.63 12.92 6.84
C LYS B 51 9.61 14.28 6.15
N LEU B 52 9.71 15.36 6.94
CA LEU B 52 9.66 16.71 6.37
C LEU B 52 10.97 17.04 5.63
N LEU B 53 10.86 17.55 4.40
CA LEU B 53 12.04 17.95 3.64
C LEU B 53 12.16 19.45 3.44
N ILE B 54 11.07 20.13 3.08
CA ILE B 54 11.09 21.55 2.69
C ILE B 54 9.92 22.24 3.36
N TYR B 55 10.16 23.45 3.89
CA TYR B 55 9.05 24.28 4.35
C TYR B 55 9.19 25.68 3.78
N TRP B 56 8.13 26.48 3.96
CA TRP B 56 8.04 27.84 3.38
C TRP B 56 8.35 27.84 1.88
N ALA B 57 7.95 26.76 1.20
CA ALA B 57 8.12 26.55 -0.23
C ALA B 57 9.57 26.25 -0.62
N SER B 58 10.56 26.86 0.04
CA SER B 58 11.93 26.72 -0.44
C SER B 58 12.99 26.58 0.64
N THR B 59 12.62 26.49 1.92
CA THR B 59 13.60 26.32 2.99
C THR B 59 13.79 24.84 3.33
N ARG B 60 15.02 24.36 3.17
CA ARG B 60 15.39 22.98 3.48
C ARG B 60 15.40 22.75 4.99
N GLU B 61 14.77 21.65 5.41
CA GLU B 61 14.84 21.26 6.82
C GLU B 61 16.27 20.85 7.16
N SER B 62 16.67 21.17 8.40
CA SER B 62 17.99 20.77 8.88
C SER B 62 18.22 19.28 8.66
N GLY B 63 19.41 18.93 8.16
CA GLY B 63 19.78 17.58 7.86
C GLY B 63 19.47 17.12 6.44
N VAL B 64 18.46 17.71 5.81
CA VAL B 64 18.05 17.27 4.48
C VAL B 64 19.15 17.62 3.48
N PRO B 65 19.61 16.65 2.67
CA PRO B 65 20.72 16.89 1.75
C PRO B 65 20.44 18.05 0.80
N ASP B 66 21.53 18.51 0.17
CA ASP B 66 21.47 19.69 -0.67
C ASP B 66 20.78 19.43 -2.01
N ARG B 67 20.78 18.19 -2.50
CA ARG B 67 20.16 17.92 -3.79
C ARG B 67 18.64 18.13 -3.79
N PHE B 68 18.01 18.35 -2.64
CA PHE B 68 16.58 18.66 -2.58
C PHE B 68 16.40 20.17 -2.55
N THR B 69 15.66 20.69 -3.51
CA THR B 69 15.30 22.11 -3.51
C THR B 69 13.83 22.26 -3.84
N GLY B 70 13.19 23.21 -3.17
CA GLY B 70 11.82 23.56 -3.47
C GLY B 70 11.78 24.98 -3.99
N SER B 71 10.85 25.23 -4.91
CA SER B 71 10.72 26.57 -5.45
C SER B 71 9.27 26.81 -5.84
N GLY B 72 8.98 28.04 -6.23
CA GLY B 72 7.67 28.41 -6.68
C GLY B 72 7.02 29.39 -5.72
N SER B 73 5.81 29.81 -6.07
CA SER B 73 5.13 30.83 -5.28
C SER B 73 3.72 30.95 -5.78
N GLY B 74 2.86 31.51 -4.93
CA GLY B 74 1.46 31.67 -5.27
C GLY B 74 0.73 30.36 -5.29
N THR B 75 0.48 29.84 -6.48
CA THR B 75 -0.23 28.59 -6.62
C THR B 75 0.58 27.50 -7.31
N ASP B 76 1.80 27.78 -7.77
CA ASP B 76 2.58 26.77 -8.51
C ASP B 76 3.92 26.53 -7.83
N PHE B 77 4.16 25.28 -7.42
CA PHE B 77 5.36 24.92 -6.66
C PHE B 77 6.01 23.70 -7.27
N THR B 78 7.29 23.53 -6.97
CA THR B 78 8.07 22.48 -7.62
C THR B 78 9.03 21.92 -6.60
N LEU B 79 9.22 20.60 -6.63
CA LEU B 79 10.28 19.93 -5.89
C LEU B 79 11.28 19.34 -6.89
N THR B 80 12.55 19.67 -6.71
CA THR B 80 13.64 19.22 -7.57
C THR B 80 14.63 18.36 -6.79
N ILE B 81 14.96 17.21 -7.36
CA ILE B 81 16.08 16.41 -6.88
C ILE B 81 17.18 16.53 -7.94
N SER B 82 18.27 17.21 -7.60
CA SER B 82 19.26 17.54 -8.62
C SER B 82 19.86 16.29 -9.24
N SER B 83 20.20 15.30 -8.40
CA SER B 83 20.71 14.02 -8.84
C SER B 83 20.03 12.95 -7.99
N VAL B 84 19.25 12.08 -8.61
CA VAL B 84 18.42 11.14 -7.82
C VAL B 84 19.25 9.93 -7.41
N GLN B 85 19.19 9.58 -6.12
CA GLN B 85 19.82 8.40 -5.57
C GLN B 85 18.80 7.31 -5.30
N ALA B 86 19.31 6.10 -5.10
CA ALA B 86 18.45 4.97 -4.75
C ALA B 86 17.66 5.24 -3.48
N GLU B 87 18.28 5.89 -2.51
CA GLU B 87 17.63 6.17 -1.23
C GLU B 87 16.46 7.15 -1.35
N ASP B 88 16.30 7.84 -2.49
CA ASP B 88 15.24 8.83 -2.71
C ASP B 88 13.98 8.27 -3.34
N LEU B 89 13.94 7.00 -3.74
CA LEU B 89 12.69 6.44 -4.26
C LEU B 89 11.68 6.37 -3.12
N ALA B 90 10.63 7.17 -3.23
CA ALA B 90 9.65 7.34 -2.17
C ALA B 90 8.42 7.95 -2.81
N VAL B 91 7.41 8.20 -2.00
CA VAL B 91 6.28 9.03 -2.36
C VAL B 91 6.55 10.41 -1.78
N TYR B 92 6.34 11.45 -2.59
CA TYR B 92 6.51 12.81 -2.13
C TYR B 92 5.14 13.49 -2.05
N TYR B 93 4.84 14.10 -0.91
CA TYR B 93 3.57 14.79 -0.66
C TYR B 93 3.81 16.27 -0.50
N CYS B 94 3.02 17.10 -1.20
CA CYS B 94 3.02 18.50 -0.81
C CYS B 94 1.91 18.70 0.20
N LYS B 95 2.08 19.71 1.06
CA LYS B 95 1.07 20.04 2.05
C LYS B 95 1.01 21.54 2.27
N GLN B 96 -0.17 22.12 2.09
CA GLN B 96 -0.38 23.54 2.40
C GLN B 96 -0.80 23.72 3.84
N SER B 97 -0.29 24.78 4.49
CA SER B 97 -0.69 25.20 5.84
C SER B 97 -1.10 26.66 5.86
N TYR B 98 -1.57 27.18 4.72
CA TYR B 98 -2.14 28.52 4.68
C TYR B 98 -3.46 28.57 5.45
N ASN B 99 -4.40 27.72 5.07
CA ASN B 99 -5.74 27.66 5.66
C ASN B 99 -6.08 26.19 5.93
N LEU B 100 -5.95 25.77 7.20
CA LEU B 100 -5.89 24.36 7.59
C LEU B 100 -4.69 23.70 6.94
N TRP B 101 -4.43 22.42 7.26
CA TRP B 101 -3.25 21.70 6.77
C TRP B 101 -3.75 20.57 5.88
N THR B 102 -3.51 20.67 4.58
CA THR B 102 -4.07 19.75 3.59
C THR B 102 -2.97 19.19 2.72
N PHE B 103 -2.94 17.88 2.57
CA PHE B 103 -1.95 17.21 1.72
C PHE B 103 -2.43 17.12 0.29
N GLY B 104 -1.48 17.19 -0.65
CA GLY B 104 -1.69 16.71 -1.99
C GLY B 104 -1.72 15.21 -2.04
N GLY B 105 -2.06 14.70 -3.22
CA GLY B 105 -2.20 13.26 -3.39
C GLY B 105 -0.90 12.47 -3.53
N GLY B 106 0.23 13.14 -3.67
CA GLY B 106 1.48 12.41 -3.74
C GLY B 106 1.95 12.06 -5.14
N THR B 107 3.27 12.06 -5.32
CA THR B 107 3.95 11.65 -6.56
C THR B 107 4.90 10.52 -6.17
N LYS B 108 4.76 9.36 -6.79
CA LYS B 108 5.60 8.22 -6.47
C LYS B 108 6.75 8.11 -7.48
N LEU B 109 7.97 8.05 -6.98
CA LEU B 109 9.12 7.85 -7.85
C LEU B 109 9.30 6.36 -8.09
N GLU B 110 9.53 6.00 -9.34
CA GLU B 110 9.82 4.63 -9.74
C GLU B 110 11.07 4.62 -10.62
N ILE B 111 11.67 3.45 -10.77
CA ILE B 111 12.86 3.30 -11.59
C ILE B 111 12.44 2.98 -13.02
N LYS B 112 12.98 3.71 -13.99
CA LYS B 112 12.63 3.35 -15.34
C LYS B 112 13.54 2.25 -15.86
N ARG B 113 13.04 1.53 -16.84
CA ARG B 113 13.78 0.42 -17.44
C ARG B 113 13.12 0.15 -18.78
N ALA B 114 13.72 -0.77 -19.54
CA ALA B 114 13.14 -1.18 -20.80
C ALA B 114 11.75 -1.80 -20.60
N ASP B 115 10.87 -1.57 -21.59
CA ASP B 115 9.55 -2.18 -21.55
C ASP B 115 9.67 -3.70 -21.58
N ALA B 116 8.80 -4.37 -20.83
CA ALA B 116 8.80 -5.82 -20.73
C ALA B 116 7.36 -6.32 -20.80
N ALA B 117 7.12 -7.30 -21.66
CA ALA B 117 5.77 -7.81 -21.77
C ALA B 117 5.51 -8.77 -20.61
N PRO B 118 4.25 -8.88 -20.17
CA PRO B 118 3.96 -9.79 -19.06
C PRO B 118 4.09 -11.24 -19.49
N THR B 119 4.63 -12.06 -18.60
CA THR B 119 4.51 -13.50 -18.71
C THR B 119 3.20 -13.92 -18.04
N VAL B 120 2.30 -14.53 -18.81
CA VAL B 120 0.98 -14.89 -18.30
C VAL B 120 0.93 -16.39 -18.03
N SER B 121 0.48 -16.75 -16.84
CA SER B 121 0.26 -18.15 -16.45
C SER B 121 -1.16 -18.29 -15.94
N ILE B 122 -1.81 -19.39 -16.30
CA ILE B 122 -3.15 -19.66 -15.79
C ILE B 122 -3.15 -21.05 -15.14
N PHE B 123 -3.87 -21.15 -14.01
CA PHE B 123 -3.79 -22.33 -13.16
C PHE B 123 -5.21 -22.81 -12.90
N PRO B 124 -5.53 -24.07 -13.21
CA PRO B 124 -6.81 -24.63 -12.79
C PRO B 124 -6.89 -24.76 -11.29
N PRO B 125 -8.10 -24.89 -10.75
CA PRO B 125 -8.24 -25.17 -9.31
C PRO B 125 -7.58 -26.50 -8.94
N SER B 126 -7.17 -26.61 -7.69
CA SER B 126 -6.54 -27.83 -7.21
C SER B 126 -7.58 -28.86 -6.78
N SER B 127 -7.18 -30.13 -6.82
CA SER B 127 -8.08 -31.20 -6.36
C SER B 127 -8.53 -30.93 -4.92
N GLU B 128 -7.60 -30.45 -4.08
CA GLU B 128 -7.93 -30.26 -2.67
C GLU B 128 -8.93 -29.12 -2.46
N GLN B 129 -8.91 -28.08 -3.30
CA GLN B 129 -9.95 -27.06 -3.15
C GLN B 129 -11.31 -27.60 -3.57
N LEU B 130 -11.36 -28.37 -4.66
CA LEU B 130 -12.62 -28.89 -5.17
C LEU B 130 -13.30 -29.78 -4.14
N THR B 131 -12.52 -30.56 -3.40
CA THR B 131 -13.08 -31.38 -2.35
C THR B 131 -13.75 -30.53 -1.28
N SER B 132 -13.29 -29.29 -1.09
CA SER B 132 -13.93 -28.37 -0.17
C SER B 132 -15.20 -27.74 -0.74
N GLY B 133 -15.41 -27.84 -2.05
CA GLY B 133 -16.57 -27.27 -2.71
C GLY B 133 -16.28 -26.01 -3.50
N GLY B 134 -15.18 -25.32 -3.22
CA GLY B 134 -14.82 -24.12 -3.98
C GLY B 134 -13.95 -24.42 -5.18
N ALA B 135 -13.73 -23.40 -6.00
CA ALA B 135 -12.90 -23.57 -7.18
C ALA B 135 -12.43 -22.20 -7.63
N SER B 136 -11.14 -21.95 -7.49
CA SER B 136 -10.53 -20.69 -7.90
C SER B 136 -9.65 -20.96 -9.12
N VAL B 137 -9.86 -20.19 -10.18
CA VAL B 137 -8.93 -20.13 -11.30
C VAL B 137 -8.05 -18.92 -11.10
N VAL B 138 -6.74 -19.08 -11.28
CA VAL B 138 -5.78 -18.04 -10.95
C VAL B 138 -4.94 -17.69 -12.18
N CYS B 139 -4.80 -16.41 -12.44
CA CYS B 139 -3.95 -15.91 -13.51
C CYS B 139 -2.85 -15.03 -12.90
N PHE B 140 -1.60 -15.29 -13.27
CA PHE B 140 -0.48 -14.44 -12.92
C PHE B 140 -0.04 -13.69 -14.17
N LEU B 141 0.13 -12.37 -14.07
CA LEU B 141 0.79 -11.57 -15.09
C LEU B 141 2.10 -11.07 -14.48
N ASN B 142 3.22 -11.71 -14.82
CA ASN B 142 4.46 -11.45 -14.09
C ASN B 142 5.45 -10.61 -14.89
N ASN B 143 6.16 -9.76 -14.15
CA ASN B 143 7.40 -9.11 -14.56
C ASN B 143 7.21 -8.26 -15.82
N PHE B 144 6.26 -7.32 -15.75
CA PHE B 144 6.02 -6.40 -16.85
C PHE B 144 6.46 -4.98 -16.50
N TYR B 145 6.56 -4.15 -17.56
CA TYR B 145 6.89 -2.74 -17.41
C TYR B 145 6.46 -2.08 -18.70
N PRO B 146 5.80 -0.93 -18.65
CA PRO B 146 5.43 -0.13 -17.47
C PRO B 146 4.29 -0.76 -16.69
N LYS B 147 3.83 -0.07 -15.64
CA LYS B 147 2.94 -0.67 -14.64
C LYS B 147 1.50 -0.82 -15.11
N ASP B 148 1.06 -0.07 -16.11
CA ASP B 148 -0.34 -0.12 -16.53
C ASP B 148 -0.63 -1.42 -17.27
N ILE B 149 -1.72 -2.07 -16.88
CA ILE B 149 -2.12 -3.34 -17.48
C ILE B 149 -3.60 -3.55 -17.21
N ASN B 150 -4.24 -4.32 -18.07
CA ASN B 150 -5.65 -4.71 -17.89
C ASN B 150 -5.80 -6.20 -18.13
N VAL B 151 -6.69 -6.83 -17.36
CA VAL B 151 -6.92 -8.26 -17.47
C VAL B 151 -8.40 -8.51 -17.69
N LYS B 152 -8.71 -9.43 -18.60
CA LYS B 152 -10.08 -9.84 -18.91
C LYS B 152 -10.17 -11.35 -18.76
N TRP B 153 -11.21 -11.83 -18.07
CA TRP B 153 -11.54 -13.24 -18.00
C TRP B 153 -12.65 -13.60 -18.97
N LYS B 154 -12.52 -14.74 -19.63
CA LYS B 154 -13.59 -15.31 -20.44
C LYS B 154 -13.81 -16.75 -20.04
N ILE B 155 -15.08 -17.11 -19.92
CA ILE B 155 -15.55 -18.47 -19.63
C ILE B 155 -16.37 -18.94 -20.82
N ASP B 156 -15.95 -20.04 -21.44
CA ASP B 156 -16.61 -20.58 -22.63
C ASP B 156 -16.81 -19.49 -23.69
N GLY B 157 -15.82 -18.60 -23.82
CA GLY B 157 -15.88 -17.51 -24.78
C GLY B 157 -16.62 -16.26 -24.34
N SER B 158 -17.21 -16.25 -23.15
CA SER B 158 -17.96 -15.09 -22.68
C SER B 158 -17.19 -14.37 -21.60
N GLU B 159 -17.20 -13.04 -21.65
CA GLU B 159 -16.50 -12.24 -20.65
C GLU B 159 -17.18 -12.36 -19.30
N ARG B 160 -16.36 -12.51 -18.25
CA ARG B 160 -16.85 -12.67 -16.87
C ARG B 160 -16.22 -11.60 -15.99
N GLN B 161 -17.06 -10.91 -15.21
CA GLN B 161 -16.62 -9.78 -14.40
C GLN B 161 -16.78 -9.98 -12.91
N ASN B 162 -17.87 -10.60 -12.45
CA ASN B 162 -18.07 -10.81 -11.03
C ASN B 162 -17.30 -12.04 -10.55
N GLY B 163 -16.93 -12.02 -9.27
CA GLY B 163 -16.07 -13.05 -8.70
C GLY B 163 -14.59 -12.80 -8.89
N VAL B 164 -14.22 -11.75 -9.62
CA VAL B 164 -12.78 -11.55 -9.96
C VAL B 164 -12.07 -10.75 -8.87
N LEU B 165 -11.02 -11.31 -8.28
CA LEU B 165 -10.21 -10.59 -7.26
C LEU B 165 -8.86 -10.24 -7.90
N ASN B 166 -8.34 -9.04 -7.64
CA ASN B 166 -7.08 -8.62 -8.32
C ASN B 166 -6.07 -8.08 -7.30
N SER B 167 -4.78 -8.33 -7.53
CA SER B 167 -3.72 -7.82 -6.62
C SER B 167 -2.54 -7.31 -7.47
N TRP B 168 -1.90 -6.22 -7.02
CA TRP B 168 -0.80 -5.64 -7.80
C TRP B 168 0.44 -5.51 -6.94
N THR B 169 1.58 -6.02 -7.40
CA THR B 169 2.78 -5.76 -6.62
C THR B 169 3.26 -4.33 -6.86
N ASP B 170 4.07 -3.84 -5.93
CA ASP B 170 4.87 -2.65 -6.19
CA ASP B 170 4.86 -2.66 -6.20
C ASP B 170 6.06 -3.03 -7.07
N GLN B 171 6.78 -2.02 -7.55
CA GLN B 171 7.93 -2.29 -8.42
C GLN B 171 8.95 -3.17 -7.70
N ASP B 172 9.43 -4.19 -8.38
CA ASP B 172 10.34 -5.12 -7.76
C ASP B 172 11.71 -4.46 -7.61
N SER B 173 12.35 -4.62 -6.45
CA SER B 173 13.61 -3.91 -6.24
C SER B 173 14.74 -4.48 -7.09
N LYS B 174 14.63 -5.73 -7.56
CA LYS B 174 15.71 -6.43 -8.25
C LYS B 174 15.69 -6.21 -9.75
N ASP B 175 14.55 -6.38 -10.41
CA ASP B 175 14.50 -6.17 -11.85
C ASP B 175 13.61 -5.00 -12.26
N SER B 176 13.09 -4.24 -11.31
CA SER B 176 12.32 -3.02 -11.59
C SER B 176 11.02 -3.28 -12.35
N THR B 177 10.49 -4.50 -12.31
CA THR B 177 9.25 -4.81 -13.01
C THR B 177 8.07 -4.88 -12.04
N TYR B 178 6.89 -5.00 -12.62
CA TYR B 178 5.61 -5.10 -11.91
C TYR B 178 5.02 -6.47 -12.15
N SER B 179 4.11 -6.88 -11.27
CA SER B 179 3.37 -8.11 -11.45
C SER B 179 1.94 -7.93 -10.96
N MET B 180 1.06 -8.79 -11.46
CA MET B 180 -0.37 -8.77 -11.17
C MET B 180 -0.91 -10.17 -11.00
N SER B 181 -1.79 -10.36 -10.02
CA SER B 181 -2.48 -11.63 -9.85
C SER B 181 -3.98 -11.39 -9.98
N SER B 182 -4.68 -12.32 -10.61
CA SER B 182 -6.12 -12.19 -10.74
C SER B 182 -6.74 -13.53 -10.41
N THR B 183 -7.72 -13.52 -9.51
CA THR B 183 -8.34 -14.75 -9.05
C THR B 183 -9.82 -14.70 -9.40
N LEU B 184 -10.30 -15.75 -10.06
CA LEU B 184 -11.72 -15.94 -10.34
C LEU B 184 -12.23 -17.06 -9.43
N THR B 185 -13.14 -16.72 -8.53
CA THR B 185 -13.65 -17.67 -7.54
C THR B 185 -15.08 -18.06 -7.88
N LEU B 186 -15.33 -19.36 -8.00
CA LEU B 186 -16.71 -19.87 -8.25
C LEU B 186 -16.89 -21.16 -7.47
N THR B 187 -18.06 -21.79 -7.56
CA THR B 187 -18.23 -23.09 -6.88
C THR B 187 -17.68 -24.20 -7.76
N LYS B 188 -17.55 -25.42 -7.20
CA LYS B 188 -17.08 -26.56 -8.01
C LYS B 188 -18.08 -26.82 -9.14
N ASP B 189 -19.37 -26.81 -8.82
CA ASP B 189 -20.43 -27.08 -9.82
C ASP B 189 -20.30 -26.10 -10.99
N GLU B 190 -20.28 -24.79 -10.69
CA GLU B 190 -20.11 -23.77 -11.75
C GLU B 190 -18.87 -24.09 -12.59
N TYR B 191 -17.75 -24.40 -11.94
CA TYR B 191 -16.48 -24.66 -12.66
C TYR B 191 -16.65 -25.88 -13.57
N GLU B 192 -17.28 -26.93 -13.05
CA GLU B 192 -17.44 -28.20 -13.82
C GLU B 192 -18.48 -28.05 -14.94
N ARG B 193 -19.27 -26.98 -14.94
CA ARG B 193 -20.24 -26.72 -16.04
C ARG B 193 -19.50 -26.21 -17.29
N HIS B 194 -18.41 -25.46 -17.14
CA HIS B 194 -17.78 -24.93 -18.33
C HIS B 194 -16.48 -25.67 -18.63
N ASN B 195 -15.96 -25.40 -19.82
CA ASN B 195 -14.83 -26.16 -20.34
C ASN B 195 -13.60 -25.32 -20.63
N SER B 196 -13.76 -24.05 -20.99
CA SER B 196 -12.66 -23.24 -21.50
C SER B 196 -12.54 -22.00 -20.62
N TYR B 197 -11.35 -21.80 -20.07
CA TYR B 197 -11.08 -20.69 -19.16
C TYR B 197 -9.93 -19.90 -19.74
N THR B 198 -10.10 -18.58 -19.84
CA THR B 198 -9.17 -17.74 -20.58
C THR B 198 -8.87 -16.50 -19.75
N CYS B 199 -7.58 -16.18 -19.67
CA CYS B 199 -7.08 -14.95 -19.07
C CYS B 199 -6.42 -14.17 -20.18
N GLU B 200 -6.87 -12.94 -20.43
CA GLU B 200 -6.29 -12.10 -21.49
C GLU B 200 -5.77 -10.78 -20.91
N ALA B 201 -4.52 -10.48 -21.24
CA ALA B 201 -3.84 -9.30 -20.73
C ALA B 201 -3.69 -8.27 -21.84
N THR B 202 -3.90 -7.01 -21.51
CA THR B 202 -3.61 -5.91 -22.43
C THR B 202 -2.50 -5.07 -21.83
N HIS B 203 -1.46 -4.81 -22.62
CA HIS B 203 -0.31 -4.06 -22.16
C HIS B 203 0.33 -3.36 -23.36
N LYS B 204 0.93 -2.19 -23.12
CA LYS B 204 1.41 -1.40 -24.25
C LYS B 204 2.49 -2.11 -25.07
N THR B 205 3.12 -3.16 -24.53
CA THR B 205 4.15 -3.86 -25.29
C THR B 205 3.59 -4.74 -26.40
N SER B 206 2.27 -4.95 -26.45
CA SER B 206 1.68 -5.80 -27.46
C SER B 206 0.48 -5.12 -28.07
N THR B 207 0.41 -5.11 -29.40
CA THR B 207 -0.75 -4.52 -30.07
C THR B 207 -2.00 -5.37 -29.95
N SER B 208 -1.87 -6.63 -29.54
CA SER B 208 -2.97 -7.56 -29.34
C SER B 208 -2.92 -8.12 -27.93
N PRO B 209 -4.02 -8.67 -27.41
CA PRO B 209 -4.02 -9.16 -26.04
C PRO B 209 -3.13 -10.38 -25.90
N ILE B 210 -2.39 -10.46 -24.80
CA ILE B 210 -1.65 -11.67 -24.46
C ILE B 210 -2.64 -12.62 -23.81
N VAL B 211 -2.92 -13.73 -24.48
CA VAL B 211 -3.99 -14.65 -24.07
C VAL B 211 -3.38 -15.96 -23.60
N LYS B 212 -3.97 -16.55 -22.57
CA LYS B 212 -3.56 -17.88 -22.12
C LYS B 212 -4.82 -18.56 -21.62
N SER B 213 -4.87 -19.87 -21.75
CA SER B 213 -6.11 -20.55 -21.42
C SER B 213 -5.84 -22.02 -21.15
N PHE B 214 -6.84 -22.68 -20.59
CA PHE B 214 -6.82 -24.12 -20.45
C PHE B 214 -8.22 -24.65 -20.66
N ASN B 215 -8.28 -25.92 -21.04
CA ASN B 215 -9.53 -26.59 -21.38
C ASN B 215 -9.84 -27.61 -20.31
N ARG B 216 -11.01 -27.47 -19.70
CA ARG B 216 -11.75 -28.48 -18.93
C ARG B 216 -11.50 -28.39 -17.44
#